data_8S4U
#
_entry.id   8S4U
#
_cell.length_a   1.00
_cell.length_b   1.00
_cell.length_c   1.00
_cell.angle_alpha   90.00
_cell.angle_beta   90.00
_cell.angle_gamma   90.00
#
_symmetry.space_group_name_H-M   'P 1'
#
loop_
_entity.id
_entity.type
_entity.pdbx_description
1 polymer 'Nanobody 3.4'
2 polymer 'Thiamine transporter 2'
3 non-polymer 2-acetamido-2-deoxy-beta-D-glucopyranose
#
loop_
_entity_poly.entity_id
_entity_poly.type
_entity_poly.pdbx_seq_one_letter_code
_entity_poly.pdbx_strand_id
1 'polypeptide(L)'
;QVQLVESGGGLVQAGDSLRLSCAASGLTFSRYDMAWFRQAPGKEREFVAAITWTGSITDYADSVKGRFTISRDNAKNTIY
LQMNSLKPEDTAVYYCAAAQVPYGSTLKFNLRTLFGSWGQGTQVTVSSHHHHHHEPEA
;
B
2 'polypeptide(L)'
;MDCYRTSLSSSWIYPTVILCLFGFFSMMRPSEPFLIPYLSGPDKNLTSAEITNEIFPVWTYSYLVLLLPVFVLTDYVRYK
PVIILQGISFIITWLLLLFGQGVKTMQVVEFFYGMVTAAEVAYYAYIYSVVSPEHYQRVSGYCRSVTLAAYTAGSVLAQL
LVSLANMSYFYLNVISLASVSVAFLFSLFLPMPKKSMFFHAKPSREIKKSSSVNPVLEETHEGEAPGCEEQKPTSEILST
SGKLNKGQLNSLKPSNVTVDVFVQWFQDLKECYSSKRLFYWSLWWAFATAGFNQVLNYVQILWDYKAPSQDSSIYNGAVE
AIATFGGAVAAFAVGYVKVNWDLLGELALVVFSVVNAGSLFLMHYTANIWACYAGYLIFKSSYMLLITIAVFQIAVNLNV
ERYALVFGINTFIALVIQTIMTVIVVDQRGLNLPVSIQFLVYGSYFAVIAGIFLMRSMYITYSTKSQKDVQSPAPSENPD
VSHPEEESNIIMSTKLLEVLFQGPSSGWSHPQFEKGGGSGGGSGGSAWSHPQFEK
;
A
#
# COMPACT_ATOMS: atom_id res chain seq x y z
N GLN A 1 12.46 15.21 19.41
CA GLN A 1 11.41 15.60 20.35
C GLN A 1 10.57 16.72 19.77
N VAL A 2 9.36 16.39 19.35
CA VAL A 2 8.47 17.38 18.75
C VAL A 2 7.98 18.33 19.83
N GLN A 3 8.30 19.61 19.68
CA GLN A 3 7.96 20.63 20.67
C GLN A 3 6.91 21.56 20.10
N LEU A 4 5.82 21.75 20.84
CA LEU A 4 4.72 22.61 20.42
C LEU A 4 4.46 23.62 21.52
N VAL A 5 4.02 24.82 21.13
CA VAL A 5 3.84 25.91 22.09
C VAL A 5 2.55 26.67 21.81
N GLU A 6 1.54 26.44 22.64
CA GLU A 6 0.27 27.13 22.48
C GLU A 6 0.29 28.50 23.10
N SER A 7 -0.09 29.52 22.34
CA SER A 7 -0.23 30.87 22.86
C SER A 7 -1.50 31.48 22.31
N GLY A 8 -2.02 32.46 23.03
CA GLY A 8 -3.21 33.18 22.65
C GLY A 8 -4.32 33.17 23.68
N GLY A 9 -4.33 32.22 24.60
CA GLY A 9 -5.44 32.09 25.51
C GLY A 9 -5.51 33.23 26.51
N GLY A 10 -6.66 33.32 27.15
CA GLY A 10 -6.90 34.35 28.15
C GLY A 10 -8.37 34.66 28.27
N LEU A 11 -8.69 35.47 29.27
CA LEU A 11 -10.07 35.85 29.51
C LEU A 11 -10.63 36.63 28.32
N VAL A 12 -11.86 36.29 27.94
CA VAL A 12 -12.57 37.01 26.88
C VAL A 12 -14.05 37.00 27.20
N GLN A 13 -14.65 38.18 27.33
CA GLN A 13 -16.09 38.25 27.56
C GLN A 13 -16.83 37.46 26.48
N ALA A 14 -18.03 37.02 26.81
CA ALA A 14 -18.81 36.24 25.86
C ALA A 14 -19.16 37.09 24.64
N GLY A 15 -19.06 36.48 23.46
CA GLY A 15 -19.36 37.13 22.22
C GLY A 15 -18.16 37.67 21.46
N ASP A 16 -17.04 37.86 22.14
CA ASP A 16 -15.81 38.32 21.49
C ASP A 16 -15.20 37.15 20.74
N SER A 17 -13.98 37.32 20.25
CA SER A 17 -13.33 36.27 19.48
C SER A 17 -11.85 36.20 19.85
N LEU A 18 -11.26 35.05 19.57
CA LEU A 18 -9.88 34.77 19.95
C LEU A 18 -9.13 34.16 18.78
N ARG A 19 -7.80 34.21 18.88
CA ARG A 19 -6.92 33.53 17.94
C ARG A 19 -5.77 32.95 18.73
N LEU A 20 -5.68 31.62 18.77
CA LEU A 20 -4.57 30.92 19.37
C LEU A 20 -3.60 30.51 18.28
N SER A 21 -2.32 30.41 18.64
CA SER A 21 -1.28 29.97 17.72
C SER A 21 -0.43 28.92 18.40
N CYS A 22 0.10 28.00 17.59
CA CYS A 22 0.91 26.88 18.08
C CYS A 22 2.05 26.71 17.10
N ALA A 23 3.22 27.26 17.44
CA ALA A 23 4.38 27.27 16.56
C ALA A 23 5.15 25.97 16.74
N ALA A 24 4.73 24.93 16.03
CA ALA A 24 5.35 23.63 16.18
C ALA A 24 6.82 23.68 15.80
N SER A 25 7.61 22.81 16.41
CA SER A 25 9.03 22.73 16.13
C SER A 25 9.50 21.30 16.34
N GLY A 26 10.62 20.97 15.72
CA GLY A 26 11.20 19.65 15.83
C GLY A 26 10.61 18.62 14.90
N LEU A 27 9.69 19.00 14.03
CA LEU A 27 9.10 18.07 13.07
C LEU A 27 9.00 18.75 11.71
N THR A 28 8.87 17.93 10.67
CA THR A 28 8.63 18.42 9.32
C THR A 28 7.19 18.86 9.24
N PHE A 29 6.96 20.14 9.55
CA PHE A 29 5.59 20.63 9.72
C PHE A 29 4.75 20.41 8.47
N SER A 30 5.37 20.40 7.30
CA SER A 30 4.63 20.36 6.04
C SER A 30 4.19 18.96 5.64
N ARG A 31 4.18 18.00 6.57
CA ARG A 31 3.74 16.65 6.28
C ARG A 31 2.75 16.10 7.28
N TYR A 32 2.39 16.87 8.32
CA TYR A 32 1.66 16.34 9.45
C TYR A 32 0.31 17.02 9.59
N ASP A 33 -0.70 16.23 9.93
CA ASP A 33 -2.04 16.75 10.19
C ASP A 33 -2.07 17.26 11.63
N MET A 34 -2.04 18.57 11.80
CA MET A 34 -2.14 19.14 13.13
C MET A 34 -3.59 19.16 13.57
N ALA A 35 -3.80 19.40 14.87
CA ALA A 35 -5.15 19.45 15.42
C ALA A 35 -5.17 20.34 16.65
N TRP A 36 -6.36 20.55 17.18
CA TRP A 36 -6.56 21.29 18.42
C TRP A 36 -7.51 20.48 19.30
N PHE A 37 -7.13 20.26 20.55
CA PHE A 37 -7.95 19.59 21.53
C PHE A 37 -8.17 20.50 22.71
N ARG A 38 -9.16 20.17 23.53
CA ARG A 38 -9.45 20.93 24.73
C ARG A 38 -9.76 19.97 25.87
N GLN A 39 -9.60 20.45 27.10
CA GLN A 39 -9.88 19.67 28.30
C GLN A 39 -10.66 20.57 29.25
N ALA A 40 -11.98 20.47 29.20
CA ALA A 40 -12.80 21.28 30.09
C ALA A 40 -12.54 20.88 31.53
N PRO A 41 -12.74 21.79 32.47
CA PRO A 41 -12.35 21.50 33.85
C PRO A 41 -13.27 20.49 34.53
N GLY A 42 -13.04 19.20 34.25
CA GLY A 42 -13.86 18.15 34.79
C GLY A 42 -14.26 17.10 33.78
N LYS A 43 -13.65 17.14 32.59
CA LYS A 43 -13.89 16.17 31.55
C LYS A 43 -12.56 15.71 30.96
N GLU A 44 -12.63 14.90 29.92
CA GLU A 44 -11.45 14.42 29.24
C GLU A 44 -11.18 15.24 27.99
N ARG A 45 -9.95 15.13 27.49
CA ARG A 45 -9.57 15.87 26.30
C ARG A 45 -10.48 15.49 25.14
N GLU A 46 -10.99 16.50 24.44
CA GLU A 46 -11.96 16.30 23.37
C GLU A 46 -11.49 17.00 22.11
N PHE A 47 -11.46 16.26 21.02
CA PHE A 47 -11.17 16.82 19.70
C PHE A 47 -11.95 18.11 19.47
N VAL A 48 -11.29 19.09 18.83
CA VAL A 48 -11.91 20.37 18.49
C VAL A 48 -11.85 20.62 16.98
N ALA A 49 -10.69 20.40 16.38
CA ALA A 49 -10.51 20.64 14.96
C ALA A 49 -9.29 19.86 14.50
N ALA A 50 -9.15 19.73 13.18
CA ALA A 50 -8.00 19.04 12.61
C ALA A 50 -7.85 19.48 11.17
N ILE A 51 -6.70 20.08 10.85
CA ILE A 51 -6.42 20.58 9.52
C ILE A 51 -5.45 19.62 8.84
N THR A 52 -5.90 18.99 7.77
CA THR A 52 -5.07 18.04 7.04
C THR A 52 -3.77 18.72 6.62
N TRP A 53 -2.74 17.90 6.36
CA TRP A 53 -1.44 18.46 6.00
C TRP A 53 -1.51 19.26 4.71
N THR A 54 -2.39 18.88 3.80
CA THR A 54 -2.56 19.65 2.57
C THR A 54 -3.32 20.94 2.82
N GLY A 55 -4.08 21.02 3.92
CA GLY A 55 -4.85 22.20 4.24
C GLY A 55 -6.20 22.30 3.57
N SER A 56 -6.56 21.33 2.71
CA SER A 56 -7.82 21.37 2.00
C SER A 56 -9.00 20.87 2.82
N ILE A 57 -8.76 20.27 3.97
CA ILE A 57 -9.81 19.69 4.80
C ILE A 57 -9.62 20.18 6.23
N THR A 58 -10.73 20.44 6.91
CA THR A 58 -10.72 20.86 8.31
C THR A 58 -11.94 20.26 8.98
N ASP A 59 -11.74 19.15 9.69
CA ASP A 59 -12.81 18.57 10.50
C ASP A 59 -13.04 19.42 11.74
N TYR A 60 -14.24 19.31 12.29
CA TYR A 60 -14.56 20.05 13.49
C TYR A 60 -15.54 19.33 14.37
N ALA A 61 -15.51 19.63 15.65
CA ALA A 61 -16.49 19.09 16.57
C ALA A 61 -17.86 19.71 16.28
N ASP A 62 -18.90 18.99 16.68
CA ASP A 62 -20.26 19.45 16.39
C ASP A 62 -20.54 20.79 17.07
N SER A 63 -20.09 20.95 18.31
CA SER A 63 -20.38 22.18 19.04
C SER A 63 -19.71 23.38 18.39
N VAL A 64 -18.42 23.25 18.07
CA VAL A 64 -17.64 24.39 17.62
C VAL A 64 -18.00 24.78 16.19
N LYS A 65 -18.38 23.81 15.36
CA LYS A 65 -18.61 24.04 13.93
C LYS A 65 -19.36 25.35 13.70
N GLY A 66 -18.88 26.11 12.72
CA GLY A 66 -19.46 27.39 12.38
C GLY A 66 -18.87 28.56 13.12
N ARG A 67 -17.96 28.34 14.07
CA ARG A 67 -17.32 29.42 14.81
C ARG A 67 -15.80 29.30 14.74
N PHE A 68 -15.30 28.08 14.64
CA PHE A 68 -13.88 27.81 14.69
C PHE A 68 -13.35 27.64 13.29
N THR A 69 -12.21 28.29 12.99
CA THR A 69 -11.60 28.28 11.67
C THR A 69 -10.14 27.90 11.85
N ILE A 70 -9.84 26.61 11.85
CA ILE A 70 -8.45 26.17 11.95
C ILE A 70 -7.71 26.52 10.68
N SER A 71 -6.44 26.90 10.82
CA SER A 71 -5.62 27.33 9.71
C SER A 71 -4.23 26.73 9.88
N ARG A 72 -3.32 27.08 8.97
CA ARG A 72 -1.93 26.70 9.11
C ARG A 72 -1.07 27.57 8.22
N ASP A 73 0.16 27.82 8.66
CA ASP A 73 1.11 28.68 7.96
C ASP A 73 2.42 27.90 7.85
N ASN A 74 2.53 27.05 6.84
CA ASN A 74 3.72 26.20 6.77
C ASN A 74 5.01 27.02 6.68
N ALA A 75 4.95 28.28 6.28
CA ALA A 75 6.17 29.10 6.31
C ALA A 75 6.67 29.28 7.72
N LYS A 76 5.78 29.54 8.67
CA LYS A 76 6.15 29.79 10.06
C LYS A 76 6.01 28.56 10.94
N ASN A 77 5.71 27.40 10.37
CA ASN A 77 5.46 26.21 11.18
C ASN A 77 4.49 26.58 12.28
N THR A 78 3.35 27.12 11.92
CA THR A 78 2.37 27.57 12.89
C THR A 78 0.97 27.18 12.43
N ILE A 79 0.11 26.89 13.40
CA ILE A 79 -1.32 26.69 13.16
C ILE A 79 -2.09 27.62 14.06
N TYR A 80 -3.31 27.95 13.64
CA TYR A 80 -4.17 28.88 14.36
C TYR A 80 -5.53 28.25 14.59
N LEU A 81 -6.30 28.92 15.44
CA LEU A 81 -7.69 28.55 15.70
C LEU A 81 -8.41 29.85 16.03
N GLN A 82 -9.21 30.34 15.09
CA GLN A 82 -10.02 31.52 15.34
C GLN A 82 -11.32 31.08 15.97
N MET A 83 -11.63 31.65 17.13
CA MET A 83 -12.81 31.29 17.92
C MET A 83 -13.68 32.51 18.04
N ASN A 84 -14.79 32.51 17.28
CA ASN A 84 -15.68 33.65 17.25
C ASN A 84 -17.01 33.40 17.96
N SER A 85 -17.55 34.44 18.62
CA SER A 85 -18.79 34.28 19.39
C SER A 85 -18.56 33.20 20.42
N LEU A 86 -17.72 33.50 21.40
CA LEU A 86 -17.34 32.49 22.38
C LEU A 86 -18.35 32.46 23.53
N LYS A 87 -18.90 31.24 23.80
CA LYS A 87 -19.85 31.00 24.87
C LYS A 87 -19.13 30.36 26.06
N PRO A 88 -19.61 30.60 27.28
CA PRO A 88 -18.90 30.08 28.46
C PRO A 88 -18.62 28.60 28.42
N GLU A 89 -19.26 27.87 27.52
CA GLU A 89 -19.06 26.43 27.40
C GLU A 89 -17.85 26.07 26.55
N ASP A 90 -17.14 27.05 26.02
CA ASP A 90 -15.89 26.79 25.29
C ASP A 90 -14.66 26.87 26.18
N THR A 91 -14.83 27.19 27.46
CA THR A 91 -13.70 27.30 28.38
C THR A 91 -12.94 25.99 28.42
N ALA A 92 -11.61 26.08 28.38
CA ALA A 92 -10.77 24.90 28.43
C ALA A 92 -9.30 25.26 28.44
N VAL A 93 -8.44 24.25 28.50
CA VAL A 93 -7.03 24.38 28.21
C VAL A 93 -6.82 23.82 26.82
N TYR A 94 -6.44 24.68 25.87
CA TYR A 94 -6.45 24.33 24.46
C TYR A 94 -5.08 23.80 24.06
N TYR A 95 -5.02 22.50 23.78
CA TYR A 95 -3.78 21.83 23.41
C TYR A 95 -3.73 21.66 21.91
N CYS A 96 -2.58 21.97 21.32
CA CYS A 96 -2.35 21.65 19.92
C CYS A 96 -1.60 20.33 19.86
N ALA A 97 -2.03 19.48 18.95
CA ALA A 97 -1.51 18.13 18.82
C ALA A 97 -1.02 17.92 17.40
N ALA A 98 0.01 17.10 17.27
CA ALA A 98 0.60 16.78 15.98
C ALA A 98 0.36 15.32 15.65
N ALA A 99 0.04 15.04 14.39
CA ALA A 99 -0.18 13.67 13.97
C ALA A 99 1.06 12.84 14.27
N GLN A 100 0.86 11.67 14.87
CA GLN A 100 1.97 10.79 15.19
C GLN A 100 2.57 10.12 13.96
N VAL A 101 1.87 10.16 12.83
CA VAL A 101 2.38 9.63 11.57
C VAL A 101 2.22 10.73 10.54
N PRO A 102 3.16 10.93 9.61
CA PRO A 102 3.12 12.14 8.78
C PRO A 102 1.85 12.29 7.97
N TYR A 103 1.59 11.36 7.07
CA TYR A 103 0.49 11.48 6.11
C TYR A 103 -0.75 10.75 6.62
N GLY A 104 -1.20 11.13 7.81
CA GLY A 104 -2.32 10.43 8.41
C GLY A 104 -3.57 10.47 7.56
N SER A 105 -3.88 11.65 7.00
CA SER A 105 -5.11 11.78 6.22
C SER A 105 -5.08 10.92 4.97
N THR A 106 -3.97 10.92 4.24
CA THR A 106 -3.91 10.17 2.99
C THR A 106 -4.05 8.67 3.23
N LEU A 107 -3.43 8.16 4.28
CA LEU A 107 -3.55 6.75 4.63
C LEU A 107 -4.84 6.44 5.37
N LYS A 108 -5.69 7.45 5.60
CA LYS A 108 -7.02 7.24 6.18
C LYS A 108 -6.92 6.69 7.60
N PHE A 109 -6.19 7.40 8.45
CA PHE A 109 -6.16 7.10 9.88
C PHE A 109 -7.29 7.86 10.56
N ASN A 110 -8.01 7.19 11.44
CA ASN A 110 -9.09 7.84 12.15
C ASN A 110 -8.52 9.06 12.80
N LEU A 111 -9.23 10.17 12.73
CA LEU A 111 -8.70 11.44 13.26
C LEU A 111 -8.62 11.42 14.77
N ARG A 112 -9.65 10.93 15.45
CA ARG A 112 -9.68 10.96 16.91
C ARG A 112 -8.79 9.91 17.55
N THR A 113 -7.90 9.29 16.77
CA THR A 113 -6.85 8.45 17.33
C THR A 113 -5.51 8.69 16.62
N LEU A 114 -5.34 9.86 16.01
CA LEU A 114 -4.19 10.14 15.16
C LEU A 114 -3.25 11.19 15.74
N PHE A 115 -3.66 11.92 16.76
CA PHE A 115 -2.93 13.09 17.24
C PHE A 115 -2.33 12.81 18.61
N GLY A 116 -1.02 13.01 18.72
CA GLY A 116 -0.32 12.94 19.99
C GLY A 116 0.64 14.10 20.11
N SER A 117 1.83 13.84 20.65
CA SER A 117 2.87 14.86 20.74
C SER A 117 2.30 16.15 21.34
N TRP A 118 1.52 15.98 22.41
CA TRP A 118 0.79 17.09 22.98
C TRP A 118 1.73 18.23 23.37
N GLY A 119 1.13 19.39 23.58
CA GLY A 119 1.82 20.54 24.14
C GLY A 119 1.48 20.74 25.60
N GLN A 120 1.65 21.97 26.06
CA GLN A 120 1.32 22.34 27.44
C GLN A 120 0.08 23.20 27.54
N GLY A 121 -0.64 23.41 26.43
CA GLY A 121 -1.96 24.00 26.48
C GLY A 121 -1.98 25.45 26.88
N THR A 122 -3.05 26.15 26.50
CA THR A 122 -3.25 27.56 26.83
C THR A 122 -4.66 27.74 27.37
N GLN A 123 -4.78 28.52 28.43
CA GLN A 123 -6.03 28.62 29.18
C GLN A 123 -6.92 29.69 28.55
N VAL A 124 -8.16 29.31 28.27
CA VAL A 124 -9.19 30.21 27.75
C VAL A 124 -10.30 30.27 28.77
N THR A 125 -10.62 31.45 29.24
CA THR A 125 -11.66 31.62 30.27
C THR A 125 -12.74 32.55 29.70
N VAL A 126 -13.67 31.97 28.95
CA VAL A 126 -14.76 32.74 28.36
C VAL A 126 -15.69 33.16 29.49
N SER A 127 -15.61 34.42 29.89
CA SER A 127 -16.28 34.90 31.09
C SER A 127 -17.55 35.65 30.70
N SER A 128 -18.70 35.02 30.92
CA SER A 128 -19.97 35.69 30.68
C SER A 128 -20.11 36.93 31.54
N SER B 11 -6.29 -31.65 -21.19
CA SER B 11 -5.30 -32.14 -20.24
C SER B 11 -4.75 -30.99 -19.41
N TRP B 12 -4.42 -29.90 -20.07
CA TRP B 12 -3.94 -28.70 -19.40
C TRP B 12 -5.06 -27.83 -18.85
N ILE B 13 -6.30 -28.09 -19.24
CA ILE B 13 -7.40 -27.19 -18.91
C ILE B 13 -7.77 -27.31 -17.45
N TYR B 14 -7.85 -28.54 -16.93
CA TYR B 14 -8.34 -28.75 -15.57
C TYR B 14 -7.38 -28.17 -14.53
N PRO B 15 -6.07 -28.45 -14.58
CA PRO B 15 -5.16 -27.79 -13.63
C PRO B 15 -5.25 -26.28 -13.68
N THR B 16 -5.27 -25.71 -14.89
CA THR B 16 -5.31 -24.25 -15.02
C THR B 16 -6.60 -23.68 -14.47
N VAL B 17 -7.72 -24.33 -14.75
CA VAL B 17 -9.01 -23.85 -14.27
C VAL B 17 -9.03 -23.82 -12.76
N ILE B 18 -8.61 -24.91 -12.12
CA ILE B 18 -8.66 -24.96 -10.67
C ILE B 18 -7.68 -23.96 -10.07
N LEU B 19 -6.48 -23.85 -10.65
CA LEU B 19 -5.50 -22.91 -10.12
C LEU B 19 -6.01 -21.48 -10.22
N CYS B 20 -6.64 -21.10 -11.33
CA CYS B 20 -7.09 -19.72 -11.49
C CYS B 20 -8.33 -19.46 -10.66
N LEU B 21 -9.19 -20.46 -10.46
CA LEU B 21 -10.29 -20.27 -9.53
C LEU B 21 -9.78 -20.01 -8.12
N PHE B 22 -8.77 -20.77 -7.69
CA PHE B 22 -8.15 -20.50 -6.39
C PHE B 22 -7.54 -19.10 -6.35
N GLY B 23 -6.83 -18.72 -7.42
CA GLY B 23 -6.21 -17.41 -7.44
C GLY B 23 -7.21 -16.27 -7.38
N PHE B 24 -8.28 -16.37 -8.17
CA PHE B 24 -9.31 -15.34 -8.16
C PHE B 24 -9.95 -15.23 -6.78
N PHE B 25 -10.33 -16.35 -6.20
CA PHE B 25 -11.09 -16.27 -4.95
C PHE B 25 -10.19 -15.90 -3.78
N SER B 26 -8.90 -16.24 -3.84
CA SER B 26 -7.99 -15.82 -2.78
C SER B 26 -7.64 -14.35 -2.88
N MET B 27 -7.43 -13.85 -4.10
CA MET B 27 -7.02 -12.46 -4.29
C MET B 27 -8.19 -11.49 -4.21
N MET B 28 -9.43 -11.96 -4.26
CA MET B 28 -10.59 -11.09 -4.11
C MET B 28 -10.84 -10.89 -2.62
N ARG B 29 -10.54 -9.69 -2.12
CA ARG B 29 -10.66 -9.39 -0.69
C ARG B 29 -11.10 -7.94 -0.54
N PRO B 30 -12.39 -7.70 -0.33
CA PRO B 30 -12.86 -6.31 -0.17
C PRO B 30 -12.21 -5.55 0.96
N SER B 31 -11.81 -6.22 2.04
CA SER B 31 -11.35 -5.52 3.23
C SER B 31 -9.99 -4.88 3.07
N GLU B 32 -9.23 -5.24 2.05
CA GLU B 32 -7.85 -4.78 1.95
C GLU B 32 -7.72 -3.26 1.90
N PRO B 33 -8.44 -2.54 1.03
CA PRO B 33 -8.23 -1.08 0.94
C PRO B 33 -8.64 -0.30 2.17
N PHE B 34 -9.34 -0.90 3.12
CA PHE B 34 -9.78 -0.22 4.34
C PHE B 34 -9.15 -0.84 5.58
N LEU B 35 -7.90 -1.28 5.46
CA LEU B 35 -7.24 -1.93 6.59
C LEU B 35 -6.91 -0.92 7.69
N ILE B 36 -6.29 0.20 7.33
CA ILE B 36 -5.89 1.20 8.31
C ILE B 36 -7.12 1.84 8.94
N PRO B 37 -8.13 2.22 8.17
CA PRO B 37 -9.37 2.70 8.79
C PRO B 37 -10.02 1.68 9.70
N TYR B 38 -9.92 0.40 9.35
CA TYR B 38 -10.49 -0.66 10.17
C TYR B 38 -9.77 -0.76 11.51
N LEU B 39 -8.44 -0.88 11.48
CA LEU B 39 -7.67 -1.07 12.70
C LEU B 39 -7.61 0.14 13.60
N SER B 40 -7.52 1.34 13.05
CA SER B 40 -7.52 2.55 13.85
C SER B 40 -8.90 3.04 14.13
N GLY B 41 -9.90 2.34 13.65
CA GLY B 41 -11.26 2.81 13.78
C GLY B 41 -11.88 2.53 15.11
N PRO B 42 -13.22 2.52 15.16
CA PRO B 42 -13.90 2.28 16.42
C PRO B 42 -13.95 0.81 16.73
N ASP B 43 -13.46 -0.03 15.82
CA ASP B 43 -13.53 -1.47 16.02
C ASP B 43 -12.40 -1.97 16.91
N LYS B 44 -11.15 -1.62 16.57
CA LYS B 44 -9.99 -2.12 17.27
C LYS B 44 -9.25 -1.08 18.09
N ASN B 45 -9.38 0.19 17.70
CA ASN B 45 -8.81 1.30 18.47
C ASN B 45 -7.28 1.29 18.57
N LEU B 46 -6.60 0.82 17.54
CA LEU B 46 -5.15 0.87 17.48
C LEU B 46 -4.69 2.23 16.99
N THR B 47 -3.70 2.79 17.68
CA THR B 47 -3.21 4.13 17.35
C THR B 47 -2.40 4.11 16.05
N SER B 48 -2.22 5.29 15.47
CA SER B 48 -1.42 5.41 14.25
C SER B 48 0.02 5.02 14.51
N ALA B 49 0.59 5.46 15.63
CA ALA B 49 1.96 5.10 15.96
C ALA B 49 2.12 3.60 16.10
N GLU B 50 1.18 2.96 16.82
CA GLU B 50 1.24 1.52 16.99
C GLU B 50 1.14 0.81 15.65
N ILE B 51 0.09 1.08 14.90
CA ILE B 51 -0.10 0.41 13.60
C ILE B 51 1.14 0.59 12.74
N THR B 52 1.71 1.79 12.74
CA THR B 52 2.78 2.10 11.80
C THR B 52 4.11 1.48 12.21
N ASN B 53 4.42 1.50 13.51
CA ASN B 53 5.73 1.07 13.95
C ASN B 53 5.84 -0.30 14.59
N GLU B 54 4.79 -0.78 15.26
CA GLU B 54 4.86 -2.06 15.96
C GLU B 54 4.19 -3.19 15.20
N ILE B 55 3.16 -2.92 14.41
CA ILE B 55 2.39 -3.96 13.75
C ILE B 55 2.90 -4.15 12.32
N PHE B 56 2.84 -3.10 11.51
CA PHE B 56 3.17 -3.23 10.10
C PHE B 56 4.57 -3.78 9.86
N PRO B 57 5.61 -3.35 10.57
CA PRO B 57 6.95 -3.90 10.29
C PRO B 57 7.04 -5.39 10.48
N VAL B 58 6.24 -5.98 11.37
CA VAL B 58 6.28 -7.42 11.58
C VAL B 58 5.92 -8.16 10.31
N TRP B 59 5.18 -7.52 9.41
CA TRP B 59 4.89 -8.15 8.14
C TRP B 59 6.12 -8.23 7.26
N THR B 60 6.95 -7.18 7.27
CA THR B 60 8.12 -7.17 6.40
C THR B 60 9.17 -8.17 6.89
N TYR B 61 9.42 -8.21 8.19
CA TYR B 61 10.40 -9.16 8.71
C TYR B 61 9.87 -10.59 8.65
N SER B 62 8.59 -10.79 8.94
CA SER B 62 8.00 -12.11 8.82
C SER B 62 8.05 -12.58 7.39
N TYR B 63 7.68 -11.72 6.46
CA TYR B 63 7.76 -12.03 5.04
C TYR B 63 9.19 -12.39 4.64
N LEU B 64 10.15 -11.57 5.06
CA LEU B 64 11.53 -11.79 4.69
C LEU B 64 12.04 -13.13 5.19
N VAL B 65 11.76 -13.46 6.45
CA VAL B 65 12.26 -14.70 7.02
C VAL B 65 11.54 -15.89 6.40
N LEU B 66 10.22 -15.82 6.27
CA LEU B 66 9.45 -16.96 5.77
C LEU B 66 9.69 -17.22 4.29
N LEU B 67 10.17 -16.22 3.55
CA LEU B 67 10.53 -16.48 2.16
C LEU B 67 11.68 -17.48 2.04
N LEU B 68 12.46 -17.68 3.12
CA LEU B 68 13.58 -18.61 3.04
C LEU B 68 13.10 -20.05 2.95
N PRO B 69 12.38 -20.60 3.94
CA PRO B 69 11.89 -21.97 3.79
C PRO B 69 11.02 -22.17 2.57
N VAL B 70 10.23 -21.17 2.19
CA VAL B 70 9.35 -21.30 1.04
C VAL B 70 10.17 -21.65 -0.21
N PHE B 71 11.13 -20.81 -0.55
CA PHE B 71 11.88 -21.06 -1.76
C PHE B 71 12.89 -22.19 -1.58
N VAL B 72 13.21 -22.53 -0.34
CA VAL B 72 14.12 -23.65 -0.13
C VAL B 72 13.42 -24.97 -0.40
N LEU B 73 12.15 -25.11 0.00
CA LEU B 73 11.48 -26.40 0.04
C LEU B 73 10.35 -26.57 -0.95
N THR B 74 9.78 -25.50 -1.50
CA THR B 74 8.56 -25.60 -2.29
C THR B 74 8.69 -26.57 -3.46
N ASP B 75 9.87 -26.71 -4.04
CA ASP B 75 10.04 -27.67 -5.12
C ASP B 75 10.14 -29.09 -4.59
N TYR B 76 10.57 -29.26 -3.33
CA TYR B 76 10.65 -30.60 -2.74
C TYR B 76 9.29 -31.16 -2.40
N VAL B 77 8.45 -30.37 -1.74
CA VAL B 77 7.12 -30.78 -1.34
C VAL B 77 6.17 -30.91 -2.51
N ARG B 78 6.60 -30.56 -3.71
CA ARG B 78 5.81 -30.63 -4.96
C ARG B 78 4.71 -29.57 -5.00
N TYR B 79 4.93 -28.46 -4.33
CA TYR B 79 4.05 -27.29 -4.44
C TYR B 79 2.70 -27.26 -3.82
N LYS B 80 1.91 -28.28 -3.99
CA LYS B 80 0.54 -28.22 -3.50
C LYS B 80 0.53 -28.05 -2.03
N PRO B 81 1.36 -28.80 -1.31
CA PRO B 81 1.42 -28.57 0.13
C PRO B 81 1.62 -27.08 0.51
N VAL B 82 2.32 -26.30 -0.30
CA VAL B 82 2.56 -24.89 -0.03
C VAL B 82 1.34 -24.05 -0.33
N ILE B 83 0.63 -24.36 -1.42
CA ILE B 83 -0.60 -23.63 -1.73
C ILE B 83 -1.65 -23.86 -0.65
N ILE B 84 -1.77 -25.10 -0.19
CA ILE B 84 -2.72 -25.39 0.89
C ILE B 84 -2.32 -24.63 2.14
N LEU B 85 -1.03 -24.61 2.47
CA LEU B 85 -0.55 -23.87 3.63
C LEU B 85 -0.90 -22.39 3.51
N GLN B 86 -0.77 -21.82 2.31
CA GLN B 86 -1.16 -20.44 2.10
C GLN B 86 -2.64 -20.25 2.36
N GLY B 87 -3.47 -21.19 1.92
CA GLY B 87 -4.90 -21.10 2.18
C GLY B 87 -5.22 -21.10 3.66
N ILE B 88 -4.59 -22.00 4.41
CA ILE B 88 -4.84 -22.05 5.85
C ILE B 88 -4.36 -20.78 6.52
N SER B 89 -3.23 -20.25 6.05
CA SER B 89 -2.72 -18.99 6.60
C SER B 89 -3.69 -17.85 6.32
N PHE B 90 -4.32 -17.85 5.16
CA PHE B 90 -5.32 -16.85 4.83
C PHE B 90 -6.45 -16.93 5.82
N ILE B 91 -6.95 -18.13 6.06
CA ILE B 91 -8.08 -18.29 6.97
C ILE B 91 -7.71 -17.84 8.38
N ILE B 92 -6.52 -18.22 8.85
CA ILE B 92 -6.10 -17.84 10.20
C ILE B 92 -5.96 -16.33 10.31
N THR B 93 -5.33 -15.72 9.31
CA THR B 93 -5.12 -14.28 9.32
C THR B 93 -6.44 -13.54 9.40
N TRP B 94 -7.43 -13.92 8.60
CA TRP B 94 -8.67 -13.18 8.60
C TRP B 94 -9.55 -13.49 9.81
N LEU B 95 -9.48 -14.72 10.34
CA LEU B 95 -10.15 -14.99 11.60
C LEU B 95 -9.60 -14.13 12.73
N LEU B 96 -8.27 -14.00 12.79
CA LEU B 96 -7.66 -13.14 13.81
C LEU B 96 -8.03 -11.68 13.59
N LEU B 97 -8.06 -11.23 12.34
CA LEU B 97 -8.46 -9.85 12.05
C LEU B 97 -9.88 -9.59 12.52
N LEU B 98 -10.79 -10.54 12.28
CA LEU B 98 -12.18 -10.35 12.69
C LEU B 98 -12.31 -10.34 14.21
N PHE B 99 -11.75 -11.34 14.88
CA PHE B 99 -11.99 -11.51 16.31
C PHE B 99 -10.79 -11.23 17.19
N GLY B 100 -9.66 -10.82 16.62
CA GLY B 100 -8.48 -10.52 17.42
C GLY B 100 -8.41 -9.06 17.79
N GLN B 101 -8.16 -8.79 19.07
CA GLN B 101 -8.06 -7.44 19.58
C GLN B 101 -6.80 -7.29 20.42
N GLY B 102 -6.07 -6.19 20.20
CA GLY B 102 -4.81 -5.92 20.86
C GLY B 102 -3.74 -5.61 19.85
N VAL B 103 -2.51 -5.47 20.33
CA VAL B 103 -1.36 -5.21 19.47
C VAL B 103 -0.57 -6.47 19.18
N LYS B 104 -0.40 -7.34 20.18
CA LYS B 104 0.28 -8.61 19.97
C LYS B 104 -0.50 -9.49 19.00
N THR B 105 -1.83 -9.48 19.14
CA THR B 105 -2.66 -10.25 18.21
C THR B 105 -2.50 -9.74 16.78
N MET B 106 -2.41 -8.42 16.61
CA MET B 106 -2.20 -7.88 15.27
C MET B 106 -0.82 -8.21 14.76
N GLN B 107 0.18 -8.29 15.64
CA GLN B 107 1.50 -8.72 15.21
C GLN B 107 1.50 -10.17 14.74
N VAL B 108 0.72 -11.02 15.41
CA VAL B 108 0.55 -12.40 14.93
C VAL B 108 -0.19 -12.42 13.60
N VAL B 109 -1.18 -11.54 13.44
CA VAL B 109 -1.86 -11.41 12.17
C VAL B 109 -0.87 -11.07 11.06
N GLU B 110 0.06 -10.16 11.36
CA GLU B 110 1.05 -9.76 10.37
C GLU B 110 2.04 -10.89 10.09
N PHE B 111 2.39 -11.68 11.11
CA PHE B 111 3.22 -12.85 10.88
C PHE B 111 2.54 -13.84 9.93
N PHE B 112 1.25 -14.08 10.13
CA PHE B 112 0.55 -15.02 9.27
C PHE B 112 0.30 -14.44 7.88
N TYR B 113 0.15 -13.12 7.78
CA TYR B 113 0.08 -12.52 6.46
C TYR B 113 1.42 -12.59 5.74
N GLY B 114 2.52 -12.47 6.49
CA GLY B 114 3.83 -12.68 5.89
C GLY B 114 4.00 -14.11 5.39
N MET B 115 3.47 -15.06 6.15
CA MET B 115 3.40 -16.44 5.66
C MET B 115 2.56 -16.54 4.40
N VAL B 116 1.42 -15.85 4.37
CA VAL B 116 0.52 -15.91 3.22
C VAL B 116 1.22 -15.41 1.97
N THR B 117 1.82 -14.23 2.06
CA THR B 117 2.45 -13.63 0.88
C THR B 117 3.74 -14.36 0.51
N ALA B 118 4.49 -14.82 1.50
CA ALA B 118 5.72 -15.56 1.21
C ALA B 118 5.43 -16.89 0.54
N ALA B 119 4.26 -17.47 0.81
CA ALA B 119 3.87 -18.74 0.19
C ALA B 119 3.33 -18.57 -1.21
N GLU B 120 3.16 -17.34 -1.67
CA GLU B 120 2.65 -17.08 -3.01
C GLU B 120 3.60 -17.50 -4.11
N VAL B 121 4.87 -17.79 -3.78
CA VAL B 121 5.79 -18.30 -4.77
C VAL B 121 5.28 -19.60 -5.37
N ALA B 122 4.55 -20.40 -4.59
CA ALA B 122 4.04 -21.67 -5.08
C ALA B 122 2.93 -21.49 -6.11
N TYR B 123 2.15 -20.41 -5.98
CA TYR B 123 1.06 -20.17 -6.93
C TYR B 123 1.59 -20.01 -8.34
N TYR B 124 2.57 -19.12 -8.53
CA TYR B 124 3.14 -18.91 -9.84
C TYR B 124 4.10 -20.02 -10.23
N ALA B 125 4.72 -20.67 -9.25
CA ALA B 125 5.63 -21.77 -9.55
C ALA B 125 4.89 -23.05 -9.91
N TYR B 126 3.68 -23.23 -9.39
CA TYR B 126 3.02 -24.53 -9.44
C TYR B 126 2.77 -24.98 -10.87
N ILE B 127 2.25 -24.09 -11.71
CA ILE B 127 1.59 -24.50 -12.94
C ILE B 127 2.56 -25.10 -13.95
N TYR B 128 3.81 -24.67 -13.96
CA TYR B 128 4.75 -25.16 -14.95
C TYR B 128 5.15 -26.61 -14.70
N SER B 129 4.87 -27.15 -13.53
CA SER B 129 5.14 -28.55 -13.23
C SER B 129 4.04 -29.49 -13.69
N VAL B 130 2.82 -28.99 -13.87
CA VAL B 130 1.69 -29.83 -14.27
C VAL B 130 1.32 -29.66 -15.73
N VAL B 131 1.88 -28.69 -16.44
CA VAL B 131 1.50 -28.38 -17.80
C VAL B 131 2.69 -28.57 -18.71
N SER B 132 2.42 -28.83 -19.99
CA SER B 132 3.46 -29.02 -20.97
C SER B 132 4.13 -27.69 -21.28
N PRO B 133 5.37 -27.72 -21.78
CA PRO B 133 6.06 -26.45 -22.08
C PRO B 133 5.38 -25.65 -23.17
N GLU B 134 4.56 -26.28 -24.02
CA GLU B 134 3.93 -25.57 -25.13
C GLU B 134 2.73 -24.75 -24.71
N HIS B 135 2.28 -24.87 -23.45
CA HIS B 135 1.19 -24.06 -22.92
C HIS B 135 1.69 -23.06 -21.90
N TYR B 136 2.99 -22.77 -21.88
CA TYR B 136 3.56 -21.95 -20.82
C TYR B 136 3.18 -20.48 -20.96
N GLN B 137 3.12 -19.98 -22.20
CA GLN B 137 2.75 -18.59 -22.42
C GLN B 137 1.35 -18.34 -21.95
N ARG B 138 0.39 -19.08 -22.52
CA ARG B 138 -1.00 -18.91 -22.16
C ARG B 138 -1.20 -19.12 -20.66
N VAL B 139 -0.55 -20.15 -20.12
CA VAL B 139 -0.66 -20.45 -18.70
C VAL B 139 -0.26 -19.23 -17.87
N SER B 140 0.87 -18.60 -18.23
CA SER B 140 1.38 -17.49 -17.43
C SER B 140 0.43 -16.31 -17.43
N GLY B 141 -0.20 -16.02 -18.57
CA GLY B 141 -1.05 -14.84 -18.66
C GLY B 141 -2.30 -14.93 -17.80
N TYR B 142 -2.98 -16.08 -17.82
CA TYR B 142 -4.21 -16.24 -17.06
C TYR B 142 -3.96 -16.12 -15.57
N CYS B 143 -2.90 -16.70 -15.08
CA CYS B 143 -2.64 -16.72 -13.66
C CYS B 143 -2.38 -15.34 -13.10
N ARG B 144 -1.64 -14.53 -13.81
CA ARG B 144 -1.41 -13.16 -13.35
C ARG B 144 -2.67 -12.32 -13.47
N SER B 145 -3.39 -12.44 -14.59
CA SER B 145 -4.56 -11.58 -14.81
C SER B 145 -5.66 -11.87 -13.81
N VAL B 146 -5.92 -13.14 -13.51
CA VAL B 146 -7.02 -13.46 -12.60
C VAL B 146 -6.79 -12.83 -11.23
N THR B 147 -5.53 -12.78 -10.80
CA THR B 147 -5.22 -12.13 -9.53
C THR B 147 -5.50 -10.64 -9.59
N LEU B 148 -5.14 -9.99 -10.70
CA LEU B 148 -5.37 -8.56 -10.84
C LEU B 148 -6.84 -8.26 -11.13
N ALA B 149 -7.49 -9.11 -11.93
CA ALA B 149 -8.93 -8.99 -12.10
C ALA B 149 -9.64 -9.12 -10.76
N ALA B 150 -9.21 -10.09 -9.94
CA ALA B 150 -9.79 -10.28 -8.62
C ALA B 150 -9.54 -9.06 -7.73
N TYR B 151 -8.33 -8.49 -7.77
CA TYR B 151 -8.07 -7.30 -6.97
C TYR B 151 -8.96 -6.15 -7.39
N THR B 152 -9.12 -5.93 -8.70
CA THR B 152 -10.00 -4.87 -9.17
C THR B 152 -11.44 -5.11 -8.73
N ALA B 153 -11.91 -6.34 -8.86
CA ALA B 153 -13.28 -6.66 -8.46
C ALA B 153 -13.48 -6.41 -6.97
N GLY B 154 -12.52 -6.82 -6.15
CA GLY B 154 -12.62 -6.56 -4.72
C GLY B 154 -12.64 -5.08 -4.40
N SER B 155 -11.78 -4.31 -5.07
CA SER B 155 -11.74 -2.87 -4.82
C SER B 155 -13.06 -2.21 -5.20
N VAL B 156 -13.59 -2.56 -6.37
CA VAL B 156 -14.85 -1.97 -6.81
C VAL B 156 -15.98 -2.36 -5.86
N LEU B 157 -16.03 -3.64 -5.47
CA LEU B 157 -17.06 -4.09 -4.57
C LEU B 157 -16.99 -3.36 -3.24
N ALA B 158 -15.78 -3.21 -2.69
CA ALA B 158 -15.63 -2.51 -1.42
C ALA B 158 -16.07 -1.06 -1.55
N GLN B 159 -15.66 -0.39 -2.62
CA GLN B 159 -16.06 1.01 -2.81
C GLN B 159 -17.57 1.14 -2.86
N LEU B 160 -18.21 0.33 -3.70
CA LEU B 160 -19.67 0.40 -3.83
C LEU B 160 -20.35 0.12 -2.50
N LEU B 161 -19.94 -0.95 -1.82
CA LEU B 161 -20.60 -1.37 -0.59
C LEU B 161 -20.43 -0.33 0.51
N VAL B 162 -19.21 0.17 0.68
CA VAL B 162 -18.94 1.09 1.78
C VAL B 162 -19.71 2.38 1.59
N SER B 163 -19.92 2.77 0.35
CA SER B 163 -20.61 4.03 0.06
C SER B 163 -22.08 3.81 -0.19
N LEU B 164 -22.39 2.93 -1.14
CA LEU B 164 -23.78 2.67 -1.50
C LEU B 164 -24.47 1.79 -0.47
N ALA B 165 -23.79 0.73 -0.04
CA ALA B 165 -24.38 -0.21 0.90
C ALA B 165 -24.07 0.14 2.34
N ASN B 166 -23.32 1.22 2.56
CA ASN B 166 -22.93 1.60 3.90
C ASN B 166 -22.33 0.38 4.58
N MET B 167 -21.48 -0.33 3.85
CA MET B 167 -20.89 -1.55 4.39
C MET B 167 -19.80 -1.26 5.39
N SER B 168 -20.00 -1.70 6.62
CA SER B 168 -18.98 -1.51 7.65
C SER B 168 -17.77 -2.36 7.34
N TYR B 169 -16.61 -2.00 7.87
CA TYR B 169 -15.39 -2.74 7.55
C TYR B 169 -15.42 -4.15 8.12
N PHE B 170 -16.16 -4.37 9.21
CA PHE B 170 -16.29 -5.73 9.74
C PHE B 170 -16.87 -6.66 8.69
N TYR B 171 -17.90 -6.22 7.98
CA TYR B 171 -18.54 -7.10 7.01
C TYR B 171 -17.71 -7.23 5.74
N LEU B 172 -16.92 -6.21 5.40
CA LEU B 172 -15.92 -6.40 4.35
C LEU B 172 -14.94 -7.50 4.74
N ASN B 173 -14.58 -7.52 6.01
CA ASN B 173 -13.67 -8.56 6.50
C ASN B 173 -14.33 -9.92 6.43
N VAL B 174 -15.61 -9.98 6.76
CA VAL B 174 -16.36 -11.24 6.69
C VAL B 174 -16.43 -11.74 5.25
N ILE B 175 -16.67 -10.84 4.30
CA ILE B 175 -16.74 -11.23 2.90
C ILE B 175 -15.39 -11.73 2.41
N SER B 176 -14.31 -11.05 2.81
CA SER B 176 -12.98 -11.51 2.44
C SER B 176 -12.65 -12.85 3.08
N LEU B 177 -13.10 -13.06 4.31
CA LEU B 177 -12.89 -14.36 4.96
C LEU B 177 -13.62 -15.47 4.23
N ALA B 178 -14.86 -15.21 3.82
CA ALA B 178 -15.59 -16.21 3.04
C ALA B 178 -14.90 -16.46 1.70
N SER B 179 -14.36 -15.40 1.08
CA SER B 179 -13.65 -15.57 -0.18
C SER B 179 -12.43 -16.46 -0.01
N VAL B 180 -11.61 -16.17 1.00
CA VAL B 180 -10.39 -16.97 1.20
C VAL B 180 -10.74 -18.38 1.65
N SER B 181 -11.84 -18.57 2.37
CA SER B 181 -12.28 -19.92 2.72
C SER B 181 -12.68 -20.71 1.49
N VAL B 182 -13.43 -20.07 0.57
CA VAL B 182 -13.77 -20.74 -0.68
C VAL B 182 -12.50 -21.07 -1.46
N ALA B 183 -11.55 -20.14 -1.50
CA ALA B 183 -10.29 -20.39 -2.18
C ALA B 183 -9.56 -21.59 -1.57
N PHE B 184 -9.50 -21.64 -0.23
CA PHE B 184 -8.90 -22.79 0.44
C PHE B 184 -9.59 -24.08 0.01
N LEU B 185 -10.92 -24.05 -0.11
CA LEU B 185 -11.64 -25.24 -0.57
C LEU B 185 -11.28 -25.61 -2.01
N PHE B 186 -10.80 -24.66 -2.80
CA PHE B 186 -10.48 -24.95 -4.20
C PHE B 186 -9.11 -25.58 -4.37
N SER B 187 -8.25 -25.50 -3.35
CA SER B 187 -6.89 -26.02 -3.44
C SER B 187 -6.78 -27.50 -3.09
N LEU B 188 -7.75 -28.05 -2.37
CA LEU B 188 -7.70 -29.46 -2.05
C LEU B 188 -7.81 -30.33 -3.30
N PHE B 189 -8.32 -29.78 -4.40
CA PHE B 189 -8.55 -30.53 -5.63
C PHE B 189 -7.47 -30.32 -6.67
N LEU B 190 -6.49 -29.45 -6.40
CA LEU B 190 -5.43 -29.22 -7.36
C LEU B 190 -4.69 -30.52 -7.65
N PRO B 191 -4.43 -30.87 -8.90
CA PRO B 191 -3.63 -32.06 -9.17
C PRO B 191 -2.25 -31.97 -8.54
N MET B 192 -1.75 -33.11 -8.08
CA MET B 192 -0.39 -33.17 -7.52
C MET B 192 0.61 -33.39 -8.65
N PRO B 193 1.63 -32.54 -8.78
CA PRO B 193 2.64 -32.80 -9.80
C PRO B 193 3.36 -34.12 -9.55
N LYS B 194 4.29 -34.50 -10.41
CA LYS B 194 5.06 -35.71 -10.24
C LYS B 194 6.53 -35.36 -10.14
N LYS B 195 7.35 -36.36 -9.81
CA LYS B 195 8.79 -36.15 -9.72
C LYS B 195 9.47 -36.32 -11.06
N GLU B 271 22.51 -22.04 -8.11
CA GLU B 271 23.55 -22.02 -9.13
C GLU B 271 22.99 -22.44 -10.48
N CYS B 272 21.67 -22.25 -10.67
CA CYS B 272 21.00 -22.61 -11.93
C CYS B 272 20.77 -21.39 -12.81
N TYR B 273 21.42 -20.28 -12.49
CA TYR B 273 21.30 -19.06 -13.27
C TYR B 273 22.29 -18.99 -14.42
N SER B 274 22.78 -20.13 -14.88
CA SER B 274 23.79 -20.12 -15.94
C SER B 274 23.25 -19.47 -17.21
N SER B 275 21.98 -19.66 -17.51
CA SER B 275 21.38 -19.06 -18.69
C SER B 275 21.34 -17.54 -18.53
N LYS B 276 21.69 -16.81 -19.58
CA LYS B 276 21.68 -15.37 -19.48
C LYS B 276 20.27 -14.82 -19.53
N ARG B 277 19.38 -15.40 -20.33
CA ARG B 277 18.02 -14.93 -20.29
C ARG B 277 17.49 -15.04 -18.88
N LEU B 278 17.70 -16.19 -18.24
CA LEU B 278 17.26 -16.37 -16.87
C LEU B 278 17.93 -15.36 -15.95
N PHE B 279 19.22 -15.07 -16.18
CA PHE B 279 19.96 -14.17 -15.31
C PHE B 279 19.40 -12.74 -15.40
N TYR B 280 19.18 -12.25 -16.62
CA TYR B 280 18.72 -10.88 -16.80
C TYR B 280 17.25 -10.72 -16.44
N TRP B 281 16.42 -11.71 -16.79
CA TRP B 281 15.02 -11.65 -16.39
C TRP B 281 14.88 -11.63 -14.87
N SER B 282 15.78 -12.31 -14.16
CA SER B 282 15.82 -12.25 -12.71
C SER B 282 16.42 -10.93 -12.22
N LEU B 283 17.38 -10.38 -12.94
CA LEU B 283 17.96 -9.09 -12.56
C LEU B 283 16.92 -7.98 -12.64
N TRP B 284 16.14 -7.95 -13.71
CA TRP B 284 15.07 -6.96 -13.81
C TRP B 284 14.02 -7.21 -12.74
N TRP B 285 13.67 -8.48 -12.53
CA TRP B 285 12.70 -8.84 -11.49
C TRP B 285 13.16 -8.32 -10.13
N ALA B 286 14.43 -8.55 -9.79
CA ALA B 286 14.92 -8.17 -8.48
C ALA B 286 14.86 -6.66 -8.27
N PHE B 287 15.25 -5.89 -9.29
CA PHE B 287 15.36 -4.44 -9.13
C PHE B 287 14.07 -3.71 -9.49
N ALA B 288 13.39 -4.12 -10.55
CA ALA B 288 12.11 -3.48 -10.89
C ALA B 288 11.09 -3.72 -9.79
N THR B 289 11.06 -4.93 -9.23
CA THR B 289 10.08 -5.25 -8.19
C THR B 289 10.30 -4.41 -6.95
N ALA B 290 11.56 -4.19 -6.56
CA ALA B 290 11.85 -3.35 -5.41
C ALA B 290 11.34 -1.93 -5.65
N GLY B 291 11.56 -1.39 -6.85
CA GLY B 291 11.05 -0.07 -7.16
C GLY B 291 9.55 -0.01 -7.21
N PHE B 292 8.92 -1.02 -7.81
CA PHE B 292 7.46 -1.01 -7.96
C PHE B 292 6.78 -0.93 -6.61
N ASN B 293 7.15 -1.78 -5.67
CA ASN B 293 6.50 -1.78 -4.37
C ASN B 293 6.83 -0.54 -3.58
N GLN B 294 7.84 0.22 -4.01
CA GLN B 294 8.18 1.47 -3.35
C GLN B 294 7.25 2.58 -3.78
N VAL B 295 6.89 2.60 -5.06
CA VAL B 295 5.97 3.62 -5.56
C VAL B 295 4.59 3.45 -4.94
N LEU B 296 4.11 2.20 -4.83
CA LEU B 296 2.72 1.98 -4.47
C LEU B 296 2.36 2.60 -3.13
N ASN B 297 3.33 2.83 -2.26
CA ASN B 297 3.02 3.36 -0.95
C ASN B 297 3.04 4.87 -0.93
N TYR B 298 3.25 5.49 -2.09
CA TYR B 298 3.33 6.94 -2.14
C TYR B 298 2.56 7.54 -3.31
N VAL B 299 1.91 6.74 -4.16
CA VAL B 299 1.14 7.31 -5.27
C VAL B 299 0.03 8.19 -4.74
N GLN B 300 -0.71 7.70 -3.74
CA GLN B 300 -1.82 8.48 -3.21
C GLN B 300 -1.34 9.70 -2.44
N ILE B 301 -0.13 9.62 -1.87
CA ILE B 301 0.47 10.79 -1.22
C ILE B 301 0.87 11.83 -2.26
N LEU B 302 1.38 11.38 -3.40
CA LEU B 302 1.71 12.30 -4.47
C LEU B 302 0.45 12.98 -5.01
N TRP B 303 -0.61 12.20 -5.23
CA TRP B 303 -1.84 12.76 -5.78
C TRP B 303 -2.44 13.80 -4.84
N ASP B 304 -2.34 13.57 -3.53
CA ASP B 304 -2.85 14.53 -2.56
C ASP B 304 -2.03 15.80 -2.56
N TYR B 305 -0.71 15.67 -2.57
CA TYR B 305 0.15 16.86 -2.60
C TYR B 305 -0.04 17.63 -3.90
N LYS B 306 -0.11 16.97 -5.04
CA LYS B 306 -0.29 17.66 -6.29
C LYS B 306 -1.63 18.38 -6.34
N ALA B 307 -2.73 17.72 -6.00
CA ALA B 307 -4.07 18.27 -6.13
C ALA B 307 -4.84 18.04 -4.84
N PRO B 308 -4.65 18.90 -3.84
CA PRO B 308 -5.49 18.81 -2.64
C PRO B 308 -6.97 18.88 -2.99
N SER B 309 -7.69 17.79 -2.75
CA SER B 309 -9.12 17.71 -2.99
C SER B 309 -9.80 17.09 -1.78
N GLN B 310 -10.93 17.67 -1.38
CA GLN B 310 -11.65 17.17 -0.22
C GLN B 310 -12.29 15.81 -0.46
N ASP B 311 -12.31 15.33 -1.70
CA ASP B 311 -12.84 14.02 -2.04
C ASP B 311 -11.80 13.21 -2.80
N SER B 312 -10.55 13.32 -2.37
CA SER B 312 -9.48 12.59 -3.05
C SER B 312 -9.58 11.10 -2.79
N SER B 313 -10.15 10.69 -1.68
CA SER B 313 -10.20 9.28 -1.33
C SER B 313 -10.92 8.47 -2.40
N ILE B 314 -12.06 8.97 -2.88
CA ILE B 314 -12.81 8.25 -3.90
C ILE B 314 -11.99 8.13 -5.18
N TYR B 315 -11.34 9.23 -5.59
CA TYR B 315 -10.56 9.20 -6.81
C TYR B 315 -9.29 8.38 -6.66
N ASN B 316 -8.68 8.40 -5.49
CA ASN B 316 -7.49 7.61 -5.26
C ASN B 316 -7.78 6.12 -5.37
N GLY B 317 -8.90 5.66 -4.82
CA GLY B 317 -9.27 4.27 -4.95
C GLY B 317 -9.63 3.89 -6.37
N ALA B 318 -10.40 4.74 -7.06
CA ALA B 318 -10.85 4.41 -8.40
C ALA B 318 -9.66 4.26 -9.36
N VAL B 319 -8.69 5.18 -9.27
CA VAL B 319 -7.55 5.11 -10.18
C VAL B 319 -6.68 3.90 -9.87
N GLU B 320 -6.59 3.55 -8.60
CA GLU B 320 -5.86 2.35 -8.24
C GLU B 320 -6.51 1.17 -8.92
N ALA B 321 -7.83 1.06 -8.83
CA ALA B 321 -8.55 -0.05 -9.43
C ALA B 321 -8.37 -0.10 -10.94
N ILE B 322 -8.52 1.05 -11.60
CA ILE B 322 -8.36 1.08 -13.06
C ILE B 322 -6.94 0.71 -13.44
N ALA B 323 -5.95 1.24 -12.73
CA ALA B 323 -4.56 0.90 -12.99
C ALA B 323 -4.32 -0.60 -12.79
N THR B 324 -5.04 -1.20 -11.83
CA THR B 324 -4.92 -2.63 -11.58
C THR B 324 -5.63 -3.40 -12.67
N PHE B 325 -6.73 -2.88 -13.18
CA PHE B 325 -7.40 -3.53 -14.30
C PHE B 325 -6.63 -3.35 -15.59
N GLY B 326 -5.87 -2.25 -15.72
CA GLY B 326 -5.05 -2.06 -16.89
C GLY B 326 -3.99 -3.14 -17.04
N GLY B 327 -3.34 -3.49 -15.93
CA GLY B 327 -2.35 -4.55 -15.95
C GLY B 327 -2.94 -5.94 -16.08
N ALA B 328 -4.22 -6.11 -15.75
CA ALA B 328 -4.89 -7.40 -15.90
C ALA B 328 -5.08 -7.75 -17.37
N VAL B 329 -5.44 -6.76 -18.19
CA VAL B 329 -5.60 -7.02 -19.62
C VAL B 329 -4.25 -7.02 -20.33
N ALA B 330 -3.30 -6.22 -19.83
CA ALA B 330 -1.94 -6.29 -20.34
C ALA B 330 -1.33 -7.66 -20.05
N ALA B 331 -1.53 -8.17 -18.83
CA ALA B 331 -1.08 -9.51 -18.50
C ALA B 331 -1.83 -10.56 -19.30
N PHE B 332 -3.15 -10.37 -19.46
CA PHE B 332 -3.92 -11.32 -20.25
C PHE B 332 -3.47 -11.32 -21.70
N ALA B 333 -3.24 -10.13 -22.27
CA ALA B 333 -2.86 -10.04 -23.67
C ALA B 333 -1.52 -10.70 -23.96
N VAL B 334 -0.68 -10.91 -22.94
CA VAL B 334 0.61 -11.55 -23.15
C VAL B 334 0.42 -13.01 -23.55
N GLY B 335 -0.56 -13.70 -22.96
CA GLY B 335 -0.76 -15.10 -23.25
C GLY B 335 -1.51 -15.39 -24.54
N TYR B 336 -2.20 -14.39 -25.09
CA TYR B 336 -3.05 -14.56 -26.25
C TYR B 336 -2.34 -14.22 -27.55
N VAL B 337 -1.63 -13.09 -27.60
CA VAL B 337 -1.06 -12.61 -28.85
C VAL B 337 0.07 -13.52 -29.29
N LYS B 338 0.07 -13.87 -30.56
CA LYS B 338 1.11 -14.70 -31.12
C LYS B 338 2.28 -13.84 -31.50
N VAL B 339 3.28 -13.78 -30.65
CA VAL B 339 4.52 -13.05 -30.90
C VAL B 339 5.69 -13.94 -30.54
N ASN B 340 6.69 -14.00 -31.41
CA ASN B 340 7.85 -14.82 -31.15
C ASN B 340 8.64 -14.23 -30.02
N TRP B 341 8.56 -14.85 -28.86
CA TRP B 341 9.22 -14.32 -27.68
C TRP B 341 10.71 -14.60 -27.63
N ASP B 342 11.21 -15.47 -28.51
CA ASP B 342 12.65 -15.70 -28.55
C ASP B 342 13.39 -14.42 -28.92
N LEU B 343 12.87 -13.68 -29.91
CA LEU B 343 13.50 -12.44 -30.34
C LEU B 343 12.93 -11.21 -29.65
N LEU B 344 11.65 -11.24 -29.27
CA LEU B 344 11.00 -10.10 -28.64
C LEU B 344 11.15 -10.10 -27.12
N GLY B 345 11.91 -11.04 -26.56
CA GLY B 345 12.15 -11.05 -25.13
C GLY B 345 12.83 -9.78 -24.66
N GLU B 346 14.08 -9.58 -25.07
CA GLU B 346 14.81 -8.39 -24.64
C GLU B 346 14.17 -7.12 -25.17
N LEU B 347 13.77 -7.12 -26.45
CA LEU B 347 13.22 -5.90 -27.04
C LEU B 347 12.06 -5.36 -26.22
N ALA B 348 11.17 -6.24 -25.77
CA ALA B 348 10.09 -5.81 -24.89
C ALA B 348 10.65 -5.27 -23.58
N LEU B 349 11.73 -5.87 -23.08
CA LEU B 349 12.30 -5.42 -21.81
C LEU B 349 12.80 -3.99 -21.90
N VAL B 350 13.45 -3.62 -23.02
CA VAL B 350 13.98 -2.28 -23.16
C VAL B 350 12.85 -1.28 -23.38
N VAL B 351 11.90 -1.60 -24.24
CA VAL B 351 10.85 -0.64 -24.61
C VAL B 351 9.99 -0.30 -23.41
N PHE B 352 9.55 -1.31 -22.67
CA PHE B 352 8.67 -1.08 -21.54
C PHE B 352 9.44 -0.65 -20.29
N SER B 353 10.76 -0.82 -20.27
CA SER B 353 11.56 -0.27 -19.18
C SER B 353 11.60 1.25 -19.26
N VAL B 354 11.67 1.80 -20.48
CA VAL B 354 11.64 3.24 -20.65
C VAL B 354 10.27 3.80 -20.31
N VAL B 355 9.21 3.09 -20.70
CA VAL B 355 7.85 3.52 -20.35
C VAL B 355 7.64 3.46 -18.85
N ASN B 356 8.41 2.65 -18.14
CA ASN B 356 8.30 2.66 -16.68
C ASN B 356 9.09 3.82 -16.12
N ALA B 357 10.14 4.26 -16.80
CA ALA B 357 10.87 5.44 -16.36
C ALA B 357 10.11 6.72 -16.72
N GLY B 358 9.86 6.93 -18.02
CA GLY B 358 9.20 8.15 -18.43
C GLY B 358 7.84 8.33 -17.80
N SER B 359 7.18 7.23 -17.46
CA SER B 359 5.87 7.31 -16.82
C SER B 359 6.00 7.92 -15.44
N LEU B 360 7.10 7.62 -14.74
CA LEU B 360 7.29 8.15 -13.40
C LEU B 360 7.72 9.61 -13.42
N PHE B 361 8.52 10.01 -14.40
CA PHE B 361 8.85 11.42 -14.55
C PHE B 361 7.61 12.25 -14.85
N LEU B 362 6.65 11.67 -15.59
CA LEU B 362 5.43 12.39 -15.93
C LEU B 362 4.61 12.71 -14.69
N MET B 363 4.55 11.79 -13.73
CA MET B 363 3.82 12.06 -12.49
C MET B 363 4.53 13.12 -11.66
N HIS B 364 5.86 13.14 -11.69
CA HIS B 364 6.61 14.07 -10.87
C HIS B 364 6.52 15.50 -11.42
N TYR B 365 6.60 15.65 -12.74
CA TYR B 365 6.70 16.97 -13.35
C TYR B 365 5.34 17.57 -13.67
N THR B 366 4.42 16.77 -14.17
CA THR B 366 3.17 17.30 -14.69
C THR B 366 2.32 17.89 -13.57
N ALA B 367 1.56 18.93 -13.91
CA ALA B 367 0.69 19.61 -12.96
C ALA B 367 -0.71 19.03 -12.95
N ASN B 368 -1.25 18.66 -14.11
CA ASN B 368 -2.57 18.06 -14.18
C ASN B 368 -2.57 16.78 -13.40
N ILE B 369 -3.61 16.57 -12.61
CA ILE B 369 -3.74 15.31 -11.89
C ILE B 369 -4.11 14.19 -12.85
N TRP B 370 -4.87 14.49 -13.90
CA TRP B 370 -5.22 13.47 -14.88
C TRP B 370 -3.97 12.95 -15.57
N ALA B 371 -3.02 13.83 -15.87
CA ALA B 371 -1.73 13.38 -16.39
C ALA B 371 -1.02 12.52 -15.36
N CYS B 372 -1.14 12.84 -14.08
CA CYS B 372 -0.55 12.01 -13.05
C CYS B 372 -1.33 10.74 -12.92
N TYR B 373 -2.66 10.79 -13.00
CA TYR B 373 -3.46 9.56 -12.99
C TYR B 373 -3.12 8.68 -14.17
N ALA B 374 -2.99 9.27 -15.36
CA ALA B 374 -2.64 8.48 -16.53
C ALA B 374 -1.24 7.90 -16.42
N GLY B 375 -0.33 8.63 -15.77
CA GLY B 375 1.01 8.11 -15.57
C GLY B 375 1.02 6.85 -14.73
N TYR B 376 0.23 6.84 -13.65
CA TYR B 376 0.15 5.66 -12.81
C TYR B 376 -0.46 4.49 -13.57
N LEU B 377 -1.47 4.75 -14.39
CA LEU B 377 -2.09 3.69 -15.18
C LEU B 377 -1.08 3.06 -16.13
N ILE B 378 -0.26 3.88 -16.77
CA ILE B 378 0.75 3.37 -17.70
C ILE B 378 1.84 2.62 -16.95
N PHE B 379 2.27 3.16 -15.81
CA PHE B 379 3.37 2.53 -15.06
C PHE B 379 2.96 1.16 -14.55
N LYS B 380 1.78 1.07 -13.93
CA LYS B 380 1.34 -0.21 -13.38
C LYS B 380 0.97 -1.20 -14.45
N SER B 381 0.30 -0.75 -15.50
CA SER B 381 -0.03 -1.66 -16.59
C SER B 381 1.22 -2.13 -17.32
N SER B 382 2.19 -1.24 -17.51
CA SER B 382 3.41 -1.61 -18.20
C SER B 382 4.23 -2.60 -17.39
N TYR B 383 4.32 -2.38 -16.08
CA TYR B 383 5.08 -3.29 -15.23
C TYR B 383 4.48 -4.69 -15.25
N MET B 384 3.15 -4.79 -15.14
CA MET B 384 2.49 -6.09 -15.09
C MET B 384 2.60 -6.82 -16.42
N LEU B 385 2.78 -6.09 -17.51
CA LEU B 385 3.08 -6.71 -18.80
C LEU B 385 4.43 -7.42 -18.74
N LEU B 386 5.41 -6.80 -18.09
CA LEU B 386 6.76 -7.36 -18.03
C LEU B 386 6.86 -8.51 -17.03
N ILE B 387 6.21 -8.37 -15.88
CA ILE B 387 6.29 -9.42 -14.86
C ILE B 387 5.68 -10.71 -15.38
N THR B 388 4.78 -10.62 -16.35
CA THR B 388 4.23 -11.82 -16.98
C THR B 388 5.24 -12.47 -17.91
N ILE B 389 5.98 -11.67 -18.68
CA ILE B 389 6.95 -12.22 -19.61
C ILE B 389 8.12 -12.83 -18.86
N ALA B 390 8.53 -12.21 -17.76
CA ALA B 390 9.68 -12.71 -17.01
C ALA B 390 9.41 -14.11 -16.47
N VAL B 391 8.25 -14.29 -15.81
CA VAL B 391 7.90 -15.59 -15.25
C VAL B 391 7.78 -16.63 -16.37
N PHE B 392 7.13 -16.27 -17.47
CA PHE B 392 7.05 -17.18 -18.61
C PHE B 392 8.44 -17.43 -19.19
N GLN B 393 9.27 -16.40 -19.27
CA GLN B 393 10.58 -16.53 -19.90
C GLN B 393 11.63 -17.11 -18.97
N ILE B 394 11.36 -17.13 -17.67
CA ILE B 394 12.24 -17.86 -16.76
C ILE B 394 11.93 -19.35 -16.81
N ALA B 395 10.64 -19.70 -16.77
CA ALA B 395 10.23 -21.10 -16.77
C ALA B 395 10.64 -21.81 -18.05
N VAL B 396 10.72 -21.08 -19.16
CA VAL B 396 11.10 -21.69 -20.43
C VAL B 396 12.56 -22.11 -20.41
N ASN B 397 13.41 -21.33 -19.77
CA ASN B 397 14.84 -21.59 -19.82
C ASN B 397 15.37 -22.30 -18.61
N LEU B 398 14.49 -22.77 -17.75
CA LEU B 398 14.89 -23.54 -16.57
C LEU B 398 15.02 -25.00 -16.97
N ASN B 399 16.23 -25.52 -16.99
CA ASN B 399 16.46 -26.90 -17.36
C ASN B 399 15.95 -27.81 -16.29
N VAL B 400 16.11 -27.40 -15.04
CA VAL B 400 15.62 -28.17 -13.90
C VAL B 400 14.29 -27.58 -13.46
N GLU B 401 13.48 -28.40 -12.77
CA GLU B 401 12.18 -27.95 -12.33
C GLU B 401 12.30 -27.15 -11.03
N ARG B 402 13.17 -26.14 -11.03
CA ARG B 402 13.41 -25.30 -9.86
C ARG B 402 12.59 -24.02 -9.93
N TYR B 403 11.29 -24.13 -10.16
CA TYR B 403 10.49 -22.93 -10.40
C TYR B 403 10.38 -22.08 -9.14
N ALA B 404 10.19 -22.72 -7.99
CA ALA B 404 10.04 -21.96 -6.75
C ALA B 404 11.37 -21.42 -6.23
N LEU B 405 12.48 -22.11 -6.53
CA LEU B 405 13.78 -21.59 -6.14
C LEU B 405 14.07 -20.27 -6.86
N VAL B 406 13.95 -20.28 -8.19
CA VAL B 406 14.32 -19.11 -8.98
C VAL B 406 13.33 -17.97 -8.77
N PHE B 407 12.04 -18.28 -8.75
CA PHE B 407 11.05 -17.24 -8.45
C PHE B 407 11.18 -16.77 -7.01
N GLY B 408 11.46 -17.70 -6.08
CA GLY B 408 11.53 -17.34 -4.68
C GLY B 408 12.73 -16.47 -4.36
N ILE B 409 13.87 -16.74 -4.99
CA ILE B 409 15.05 -15.91 -4.77
C ILE B 409 14.78 -14.48 -5.24
N ASN B 410 14.26 -14.33 -6.46
CA ASN B 410 14.06 -13.02 -7.05
C ASN B 410 13.11 -12.12 -6.24
N THR B 411 12.08 -12.68 -5.62
CA THR B 411 11.21 -11.86 -4.77
C THR B 411 11.79 -11.66 -3.37
N PHE B 412 12.82 -12.41 -3.00
CA PHE B 412 13.50 -12.19 -1.74
C PHE B 412 14.56 -11.11 -1.89
N ILE B 413 15.37 -11.18 -2.95
CA ILE B 413 16.38 -10.15 -3.18
C ILE B 413 15.71 -8.82 -3.46
N ALA B 414 14.52 -8.82 -4.05
CA ALA B 414 13.76 -7.58 -4.18
C ALA B 414 13.36 -7.04 -2.82
N LEU B 415 13.02 -7.92 -1.89
CA LEU B 415 12.67 -7.46 -0.54
C LEU B 415 13.85 -6.79 0.15
N VAL B 416 15.04 -7.37 0.01
CA VAL B 416 16.23 -6.77 0.60
C VAL B 416 16.49 -5.40 -0.04
N ILE B 417 16.43 -5.33 -1.36
CA ILE B 417 16.68 -4.07 -2.04
C ILE B 417 15.67 -3.02 -1.59
N GLN B 418 14.39 -3.40 -1.57
CA GLN B 418 13.35 -2.44 -1.21
C GLN B 418 13.53 -1.94 0.22
N THR B 419 13.87 -2.84 1.14
CA THR B 419 14.04 -2.44 2.54
C THR B 419 15.24 -1.52 2.70
N ILE B 420 16.34 -1.83 2.03
CA ILE B 420 17.50 -0.94 2.08
C ILE B 420 17.15 0.42 1.49
N MET B 421 16.55 0.42 0.29
CA MET B 421 16.24 1.68 -0.37
C MET B 421 15.26 2.51 0.45
N THR B 422 14.32 1.88 1.11
CA THR B 422 13.33 2.62 1.87
C THR B 422 14.03 3.37 2.98
N VAL B 423 15.00 2.73 3.63
CA VAL B 423 15.72 3.37 4.72
C VAL B 423 16.52 4.57 4.20
N ILE B 424 17.20 4.41 3.07
CA ILE B 424 18.01 5.50 2.53
C ILE B 424 17.14 6.68 2.13
N VAL B 425 16.03 6.41 1.44
CA VAL B 425 15.30 7.45 0.73
C VAL B 425 14.24 8.09 1.61
N VAL B 426 13.37 7.30 2.22
CA VAL B 426 12.20 7.81 2.93
C VAL B 426 12.48 7.97 4.41
N ASP B 427 13.15 7.00 5.02
CA ASP B 427 13.36 7.01 6.47
C ASP B 427 14.03 8.25 7.01
N GLN B 428 13.61 8.66 8.19
CA GLN B 428 14.27 9.81 8.83
C GLN B 428 15.74 9.52 9.06
N ARG B 429 16.07 8.28 9.42
CA ARG B 429 17.47 7.92 9.62
C ARG B 429 18.29 8.25 8.38
N GLY B 430 17.69 8.16 7.20
CA GLY B 430 18.40 8.40 5.96
C GLY B 430 18.28 9.83 5.47
N LEU B 431 17.64 10.01 4.32
CA LEU B 431 17.53 11.32 3.69
C LEU B 431 16.24 12.04 4.01
N ASN B 432 15.13 11.32 4.19
CA ASN B 432 13.87 11.93 4.57
C ASN B 432 13.35 12.78 3.45
N LEU B 433 13.44 12.28 2.23
CA LEU B 433 13.01 13.04 1.06
C LEU B 433 11.49 13.20 1.08
N PRO B 434 10.97 14.39 0.76
CA PRO B 434 9.52 14.54 0.64
C PRO B 434 9.02 13.95 -0.66
N VAL B 435 7.72 13.63 -0.68
CA VAL B 435 7.13 13.01 -1.86
C VAL B 435 7.27 13.90 -3.10
N SER B 436 7.48 15.20 -2.90
CA SER B 436 7.68 16.10 -4.03
C SER B 436 8.80 15.59 -4.93
N ILE B 437 9.95 15.25 -4.33
CA ILE B 437 11.12 14.83 -5.09
C ILE B 437 11.28 13.32 -5.15
N GLN B 438 10.53 12.57 -4.34
CA GLN B 438 10.73 11.12 -4.28
C GLN B 438 10.60 10.47 -5.66
N PHE B 439 9.67 10.96 -6.47
CA PHE B 439 9.41 10.33 -7.76
C PHE B 439 10.45 10.70 -8.81
N LEU B 440 11.24 11.75 -8.56
CA LEU B 440 12.45 11.93 -9.36
C LEU B 440 13.48 10.86 -9.03
N VAL B 441 13.53 10.45 -7.76
CA VAL B 441 14.37 9.32 -7.37
C VAL B 441 13.82 8.03 -7.95
N TYR B 442 12.51 7.80 -7.78
CA TYR B 442 11.89 6.61 -8.36
C TYR B 442 11.93 6.66 -9.88
N GLY B 443 11.69 7.83 -10.47
CA GLY B 443 11.75 7.93 -11.92
C GLY B 443 13.13 7.60 -12.47
N SER B 444 14.17 8.21 -11.88
CA SER B 444 15.52 7.93 -12.35
C SER B 444 15.99 6.55 -11.95
N TYR B 445 15.57 6.06 -10.78
CA TYR B 445 15.88 4.69 -10.39
C TYR B 445 15.41 3.70 -11.44
N PHE B 446 14.28 4.00 -12.10
CA PHE B 446 13.78 3.14 -13.15
C PHE B 446 14.45 3.40 -14.49
N ALA B 447 14.97 4.62 -14.70
CA ALA B 447 15.76 4.90 -15.89
C ALA B 447 17.10 4.16 -15.85
N VAL B 448 17.68 4.01 -14.66
CA VAL B 448 18.92 3.25 -14.53
C VAL B 448 18.68 1.79 -14.92
N ILE B 449 17.58 1.21 -14.47
CA ILE B 449 17.25 -0.16 -14.87
C ILE B 449 17.22 -0.26 -16.39
N ALA B 450 16.51 0.68 -17.03
CA ALA B 450 16.45 0.69 -18.49
C ALA B 450 17.83 0.94 -19.10
N GLY B 451 18.67 1.72 -18.42
CA GLY B 451 19.99 2.01 -18.96
C GLY B 451 20.84 0.78 -19.13
N ILE B 452 20.83 -0.11 -18.13
CA ILE B 452 21.64 -1.32 -18.21
C ILE B 452 21.19 -2.19 -19.38
N PHE B 453 19.87 -2.34 -19.54
CA PHE B 453 19.34 -3.21 -20.59
C PHE B 453 19.42 -2.56 -21.96
N LEU B 454 19.37 -1.23 -22.01
CA LEU B 454 19.44 -0.53 -23.29
C LEU B 454 20.84 -0.52 -23.88
N MET B 455 21.87 -0.76 -23.06
CA MET B 455 23.25 -0.59 -23.47
C MET B 455 24.01 -1.91 -23.59
N ARG B 456 23.31 -3.03 -23.73
CA ARG B 456 23.96 -4.34 -23.86
C ARG B 456 24.12 -4.72 -25.34
N SER B 457 24.86 -3.89 -26.07
CA SER B 457 25.08 -4.12 -27.50
C SER B 457 26.46 -3.57 -27.85
N MET B 458 27.46 -4.44 -27.78
CA MET B 458 28.85 -4.07 -28.06
C MET B 458 29.21 -4.49 -29.48
N TYR B 459 29.96 -3.65 -30.18
CA TYR B 459 30.35 -3.93 -31.56
C TYR B 459 31.69 -3.28 -31.92
#